data_7D4U
#
_entry.id   7D4U
#
_cell.length_a   68.864
_cell.length_b   118.221
_cell.length_c   102.381
_cell.angle_alpha   90.000
_cell.angle_beta   90.000
_cell.angle_gamma   90.000
#
_symmetry.space_group_name_H-M   'C 2 2 21'
#
loop_
_entity.id
_entity.type
_entity.pdbx_description
1 polymer 'Cyclic AMP-AMP-GMP synthase'
2 non-polymer "ADENOSINE-5'-TRIPHOSPHATE"
3 water water
#
_entity_poly.entity_id   1
_entity_poly.type   'polypeptide(L)'
_entity_poly.pdbx_seq_one_letter_code
;MELQPQFNEFLANIRPTDTQKEDWKSGARTLRERLKNFEPLKEIVVSTFLQGSIRRSTAIRPLGDKRPKVKIVVVTNLDH
TRMSPTDAMDLFIPFLEKYYPGKWETQGRSFGITLSYVELDLVITAIPESGAEKSHLEQLYKSESVLTVNSLEEQTDWRL
NKSWTPNTGWLSESNSAQVEDAPASEWKAHPLVLPDREKNEWGRTHPLAQIRWTAEKNRLCNGHYINLVRAVKWWRQQNS
EDLPKYPKGYPLEHLIGNALDNGTTSMAQGLVQLMDTFLSRWAAIYNQKSKPWLSDHGVAEHDVMARLTAEDFCSFYEGI
ASAAEIARNALASEEPQESAQLWRQLFGSKFPLPGPQGGDRNGGFTTPSKPAEPQKTGRFALEHHHHHH
;
_entity_poly.pdbx_strand_id   A
#
loop_
_chem_comp.id
_chem_comp.type
_chem_comp.name
_chem_comp.formula
ATP non-polymer ADENOSINE-5'-TRIPHOSPHATE 'C10 H16 N5 O13 P3'
#
# COMPACT_ATOMS: atom_id res chain seq x y z
N MET A 1 19.91 12.51 18.97
CA MET A 1 20.69 11.52 18.23
C MET A 1 19.79 10.70 17.31
N GLU A 2 20.40 9.78 16.57
CA GLU A 2 19.63 8.97 15.63
C GLU A 2 18.95 7.79 16.30
N LEU A 3 19.65 7.14 17.24
CA LEU A 3 19.10 6.03 18.02
C LEU A 3 18.56 4.93 17.10
N GLN A 4 19.40 4.48 16.18
CA GLN A 4 18.98 3.47 15.21
C GLN A 4 18.49 2.17 15.83
N PRO A 5 19.11 1.61 16.88
CA PRO A 5 18.54 0.40 17.49
C PRO A 5 17.15 0.62 18.06
N GLN A 6 16.92 1.77 18.70
CA GLN A 6 15.59 2.09 19.21
C GLN A 6 14.59 2.22 18.07
N PHE A 7 15.01 2.76 16.93
CA PHE A 7 14.12 2.83 15.78
C PHE A 7 13.82 1.45 15.22
N ASN A 8 14.80 0.56 15.20
CA ASN A 8 14.54 -0.82 14.77
C ASN A 8 13.54 -1.50 15.68
N GLU A 9 13.68 -1.30 16.99
CA GLU A 9 12.73 -1.90 17.92
C GLU A 9 11.34 -1.30 17.77
N PHE A 10 11.27 0.02 17.56
CA PHE A 10 9.97 0.66 17.33
C PHE A 10 9.30 0.11 16.08
N LEU A 11 10.07 -0.08 15.00
CA LEU A 11 9.53 -0.65 13.78
C LEU A 11 9.03 -2.06 14.02
N ALA A 12 9.82 -2.89 14.72
CA ALA A 12 9.39 -4.24 15.03
C ALA A 12 8.14 -4.24 15.89
N ASN A 13 7.96 -3.21 16.72
CA ASN A 13 6.77 -3.12 17.57
C ASN A 13 5.55 -2.63 16.80
N ILE A 14 5.74 -1.88 15.73
CA ILE A 14 4.60 -1.37 14.95
C ILE A 14 4.31 -2.22 13.72
N ARG A 15 5.13 -3.21 13.42
CA ARG A 15 4.82 -4.14 12.34
C ARG A 15 3.63 -5.01 12.72
N PRO A 16 2.91 -5.52 11.73
CA PRO A 16 1.95 -6.60 12.01
C PRO A 16 2.68 -7.81 12.57
N THR A 17 2.09 -8.41 13.61
CA THR A 17 2.71 -9.57 14.24
C THR A 17 2.84 -10.71 13.23
N ASP A 18 3.79 -11.61 13.51
CA ASP A 18 3.96 -12.78 12.66
C ASP A 18 2.69 -13.62 12.60
N THR A 19 1.92 -13.62 13.69
CA THR A 19 0.64 -14.33 13.70
C THR A 19 -0.30 -13.78 12.64
N GLN A 20 -0.50 -12.46 12.63
CA GLN A 20 -1.37 -11.85 11.63
C GLN A 20 -0.83 -12.05 10.22
N LYS A 21 0.50 -12.00 10.08
CA LYS A 21 1.13 -12.24 8.77
C LYS A 21 0.76 -13.63 8.25
N GLU A 22 0.99 -14.66 9.05
CA GLU A 22 0.64 -16.02 8.64
C GLU A 22 -0.86 -16.15 8.43
N ASP A 23 -1.67 -15.42 9.21
CA ASP A 23 -3.11 -15.47 9.02
C ASP A 23 -3.52 -15.00 7.63
N TRP A 24 -3.06 -13.82 7.22
CA TRP A 24 -3.47 -13.33 5.91
C TRP A 24 -2.78 -14.11 4.78
N LYS A 25 -1.58 -14.66 5.03
CA LYS A 25 -0.95 -15.52 4.04
C LYS A 25 -1.80 -16.77 3.79
N SER A 26 -2.24 -17.42 4.87
CA SER A 26 -3.05 -18.62 4.72
C SER A 26 -4.41 -18.29 4.08
N GLY A 27 -5.00 -17.16 4.46
CA GLY A 27 -6.26 -16.75 3.84
C GLY A 27 -6.12 -16.55 2.34
N ALA A 28 -5.08 -15.82 1.94
CA ALA A 28 -4.86 -15.57 0.52
C ALA A 28 -4.57 -16.86 -0.23
N ARG A 29 -3.75 -17.74 0.33
CA ARG A 29 -3.44 -19.00 -0.33
C ARG A 29 -4.70 -19.86 -0.48
N THR A 30 -5.53 -19.93 0.56
CA THR A 30 -6.74 -20.72 0.47
C THR A 30 -7.70 -20.16 -0.57
N LEU A 31 -7.88 -18.84 -0.59
CA LEU A 31 -8.74 -18.22 -1.59
C LEU A 31 -8.23 -18.49 -3.00
N ARG A 32 -6.92 -18.35 -3.21
CA ARG A 32 -6.35 -18.57 -4.54
C ARG A 32 -6.51 -20.02 -4.97
N GLU A 33 -6.30 -20.96 -4.05
CA GLU A 33 -6.43 -22.37 -4.40
C GLU A 33 -7.89 -22.73 -4.71
N ARG A 34 -8.82 -22.15 -3.96
CA ARG A 34 -10.23 -22.41 -4.25
C ARG A 34 -10.66 -21.80 -5.57
N LEU A 35 -10.14 -20.61 -5.90
CA LEU A 35 -10.47 -19.99 -7.18
C LEU A 35 -9.87 -20.76 -8.35
N LYS A 36 -8.65 -21.29 -8.18
CA LYS A 36 -7.99 -21.99 -9.27
C LYS A 36 -8.66 -23.31 -9.60
N ASN A 37 -9.31 -23.94 -8.61
CA ASN A 37 -9.95 -25.24 -8.81
C ASN A 37 -11.47 -25.14 -8.90
N PHE A 38 -11.99 -23.95 -9.16
CA PHE A 38 -13.43 -23.76 -9.33
C PHE A 38 -13.76 -23.84 -10.82
N GLU A 39 -14.55 -24.84 -11.20
CA GLU A 39 -14.80 -25.11 -12.62
C GLU A 39 -15.47 -23.97 -13.35
N PRO A 40 -16.56 -23.36 -12.87
CA PRO A 40 -17.22 -22.31 -13.66
C PRO A 40 -16.35 -21.11 -13.95
N LEU A 41 -15.30 -20.87 -13.17
CA LEU A 41 -14.42 -19.72 -13.37
C LEU A 41 -13.05 -20.12 -13.90
N LYS A 42 -12.86 -21.39 -14.26
CA LYS A 42 -11.55 -21.86 -14.70
C LYS A 42 -11.12 -21.25 -16.03
N GLU A 43 -12.06 -20.78 -16.84
CA GLU A 43 -11.77 -20.14 -18.11
C GLU A 43 -11.78 -18.62 -18.01
N ILE A 44 -12.05 -18.07 -16.82
CA ILE A 44 -12.21 -16.64 -16.62
C ILE A 44 -11.09 -16.08 -15.76
N VAL A 45 -10.87 -16.65 -14.58
CA VAL A 45 -9.90 -16.12 -13.63
C VAL A 45 -8.50 -16.38 -14.17
N VAL A 46 -7.78 -15.31 -14.52
CA VAL A 46 -6.40 -15.45 -14.96
C VAL A 46 -5.47 -15.65 -13.77
N SER A 47 -5.63 -14.82 -12.73
CA SER A 47 -4.70 -14.85 -11.61
C SER A 47 -5.39 -14.28 -10.38
N THR A 48 -4.73 -14.46 -9.23
CA THR A 48 -5.21 -13.97 -7.95
C THR A 48 -4.00 -13.62 -7.11
N PHE A 49 -3.78 -12.34 -6.84
CA PHE A 49 -2.55 -11.94 -6.17
C PHE A 49 -2.81 -10.89 -5.09
N LEU A 50 -1.95 -10.89 -4.07
CA LEU A 50 -2.04 -9.96 -2.96
C LEU A 50 -1.56 -8.58 -3.38
N GLN A 51 -2.17 -7.55 -2.79
CA GLN A 51 -1.78 -6.17 -3.05
C GLN A 51 -1.94 -5.39 -1.76
N GLY A 52 -1.92 -4.06 -1.86
CA GLY A 52 -2.14 -3.20 -0.73
C GLY A 52 -0.88 -2.91 0.05
N SER A 53 -1.06 -2.21 1.17
CA SER A 53 0.06 -1.88 2.04
C SER A 53 0.66 -3.13 2.69
N ILE A 54 -0.09 -4.22 2.74
CA ILE A 54 0.42 -5.46 3.32
C ILE A 54 1.57 -6.01 2.47
N ARG A 55 1.36 -6.14 1.16
CA ARG A 55 2.42 -6.63 0.29
C ARG A 55 3.56 -5.62 0.18
N ARG A 56 3.23 -4.33 0.08
CA ARG A 56 4.25 -3.30 -0.02
C ARG A 56 5.01 -3.08 1.28
N SER A 57 4.66 -3.79 2.36
CA SER A 57 5.31 -3.66 3.65
C SER A 57 5.21 -2.25 4.21
N THR A 58 4.14 -1.54 3.85
CA THR A 58 3.88 -0.20 4.36
C THR A 58 2.70 -0.17 5.33
N ALA A 59 2.26 -1.33 5.80
CA ALA A 59 1.11 -1.42 6.70
C ALA A 59 1.57 -1.48 8.15
N ILE A 60 0.81 -0.84 9.02
CA ILE A 60 1.02 -0.91 10.46
C ILE A 60 -0.02 -1.85 11.05
N ARG A 61 0.28 -2.40 12.22
CA ARG A 61 -0.58 -3.40 12.82
C ARG A 61 -1.92 -2.78 13.23
N PRO A 62 -3.00 -3.55 13.21
CA PRO A 62 -4.31 -3.01 13.61
C PRO A 62 -4.37 -2.75 15.11
N LEU A 63 -5.30 -1.89 15.48
CA LEU A 63 -5.54 -1.55 16.88
C LEU A 63 -6.57 -2.50 17.49
N GLY A 64 -6.50 -2.64 18.81
CA GLY A 64 -7.48 -3.41 19.54
C GLY A 64 -7.63 -4.82 19.01
N ASP A 65 -8.87 -5.18 18.66
CA ASP A 65 -9.19 -6.48 18.08
C ASP A 65 -9.41 -6.40 16.57
N LYS A 66 -9.13 -5.25 15.96
CA LYS A 66 -9.49 -5.04 14.56
C LYS A 66 -8.76 -6.02 13.65
N ARG A 67 -9.46 -6.48 12.61
CA ARG A 67 -8.90 -7.44 11.68
C ARG A 67 -8.02 -6.73 10.65
N PRO A 68 -6.92 -7.36 10.23
CA PRO A 68 -6.12 -6.76 9.15
C PRO A 68 -6.82 -6.87 7.82
N LYS A 69 -6.94 -5.74 7.12
CA LYS A 69 -7.52 -5.72 5.79
C LYS A 69 -6.54 -6.32 4.79
N VAL A 70 -6.95 -7.42 4.16
CA VAL A 70 -6.13 -8.14 3.19
C VAL A 70 -6.70 -7.88 1.81
N LYS A 71 -5.94 -7.15 0.98
CA LYS A 71 -6.41 -6.75 -0.35
C LYS A 71 -5.95 -7.77 -1.38
N ILE A 72 -6.91 -8.35 -2.10
CA ILE A 72 -6.63 -9.37 -3.11
C ILE A 72 -7.19 -8.88 -4.45
N VAL A 73 -6.35 -8.92 -5.48
CA VAL A 73 -6.77 -8.60 -6.85
C VAL A 73 -7.04 -9.90 -7.59
N VAL A 74 -8.19 -9.98 -8.23
CA VAL A 74 -8.59 -11.12 -9.06
C VAL A 74 -8.53 -10.65 -10.51
N VAL A 75 -7.54 -11.14 -11.26
CA VAL A 75 -7.37 -10.78 -12.65
C VAL A 75 -8.10 -11.80 -13.51
N THR A 76 -9.03 -11.32 -14.32
CA THR A 76 -9.81 -12.13 -15.26
C THR A 76 -9.49 -11.69 -16.69
N ASN A 77 -10.09 -12.39 -17.65
CA ASN A 77 -9.89 -12.11 -19.07
C ASN A 77 -11.15 -11.55 -19.73
N LEU A 78 -12.04 -10.95 -18.95
CA LEU A 78 -13.31 -10.49 -19.47
C LEU A 78 -13.14 -9.27 -20.36
N ASP A 79 -14.15 -9.01 -21.18
CA ASP A 79 -14.20 -7.82 -22.03
C ASP A 79 -14.92 -6.72 -21.28
N HIS A 80 -14.17 -5.72 -20.81
CA HIS A 80 -14.78 -4.62 -20.07
C HIS A 80 -15.67 -3.74 -20.93
N THR A 81 -15.50 -3.79 -22.25
CA THR A 81 -16.33 -3.01 -23.16
C THR A 81 -17.71 -3.63 -23.37
N ARG A 82 -17.91 -4.88 -22.96
CA ARG A 82 -19.19 -5.56 -23.12
C ARG A 82 -19.79 -6.04 -21.80
N MET A 83 -19.07 -5.87 -20.69
CA MET A 83 -19.56 -6.25 -19.37
C MET A 83 -19.32 -5.11 -18.40
N SER A 84 -20.34 -4.79 -17.62
CA SER A 84 -20.17 -3.82 -16.55
C SER A 84 -19.45 -4.46 -15.37
N PRO A 85 -18.88 -3.65 -14.48
CA PRO A 85 -18.27 -4.22 -13.27
C PRO A 85 -19.20 -5.11 -12.46
N THR A 86 -20.49 -4.75 -12.40
CA THR A 86 -21.44 -5.58 -11.66
C THR A 86 -21.59 -6.96 -12.29
N ASP A 87 -21.49 -7.07 -13.61
CA ASP A 87 -21.52 -8.39 -14.24
C ASP A 87 -20.34 -9.24 -13.80
N ALA A 88 -19.13 -8.66 -13.88
CA ALA A 88 -17.93 -9.38 -13.47
C ALA A 88 -18.03 -9.82 -12.01
N MET A 89 -18.56 -8.95 -11.14
CA MET A 89 -18.68 -9.32 -9.73
C MET A 89 -19.76 -10.37 -9.52
N ASP A 90 -20.86 -10.29 -10.27
CA ASP A 90 -21.90 -11.31 -10.19
C ASP A 90 -21.38 -12.68 -10.61
N LEU A 91 -20.38 -12.69 -11.49
CA LEU A 91 -19.77 -13.97 -11.87
C LEU A 91 -19.22 -14.74 -10.68
N PHE A 92 -18.91 -14.07 -9.57
CA PHE A 92 -18.22 -14.69 -8.45
C PHE A 92 -19.15 -15.02 -7.28
N ILE A 93 -20.45 -14.71 -7.39
CA ILE A 93 -21.38 -15.03 -6.30
C ILE A 93 -21.46 -16.53 -6.04
N PRO A 94 -21.52 -17.42 -7.04
CA PRO A 94 -21.54 -18.86 -6.72
C PRO A 94 -20.33 -19.32 -5.92
N PHE A 95 -19.13 -18.84 -6.30
CA PHE A 95 -17.92 -19.20 -5.57
C PHE A 95 -18.01 -18.78 -4.11
N LEU A 96 -18.46 -17.53 -3.87
CA LEU A 96 -18.56 -17.03 -2.51
C LEU A 96 -19.58 -17.82 -1.70
N GLU A 97 -20.75 -18.07 -2.28
CA GLU A 97 -21.78 -18.83 -1.58
C GLU A 97 -21.34 -20.26 -1.32
N LYS A 98 -20.47 -20.80 -2.16
CA LYS A 98 -20.00 -22.16 -1.94
C LYS A 98 -18.93 -22.23 -0.85
N TYR A 99 -17.97 -21.30 -0.85
CA TYR A 99 -16.85 -21.39 0.07
C TYR A 99 -16.92 -20.44 1.25
N TYR A 100 -17.69 -19.35 1.16
CA TYR A 100 -17.80 -18.39 2.26
C TYR A 100 -19.26 -17.99 2.47
N PRO A 101 -20.14 -18.95 2.76
CA PRO A 101 -21.56 -18.61 2.95
C PRO A 101 -21.76 -17.87 4.27
N GLY A 102 -22.53 -16.78 4.21
CA GLY A 102 -22.76 -15.95 5.37
C GLY A 102 -21.57 -15.11 5.80
N LYS A 103 -20.43 -15.22 5.11
CA LYS A 103 -19.22 -14.49 5.47
C LYS A 103 -18.86 -13.38 4.49
N TRP A 104 -19.54 -13.29 3.35
CA TRP A 104 -19.18 -12.34 2.32
C TRP A 104 -20.26 -11.27 2.14
N GLU A 105 -19.83 -10.10 1.71
CA GLU A 105 -20.72 -9.00 1.40
C GLU A 105 -20.11 -8.17 0.27
N THR A 106 -20.91 -7.31 -0.32
CA THR A 106 -20.46 -6.41 -1.38
C THR A 106 -20.27 -5.02 -0.80
N GLN A 107 -19.03 -4.52 -0.83
CA GLN A 107 -18.71 -3.20 -0.32
C GLN A 107 -18.38 -2.26 -1.48
N GLY A 108 -19.34 -2.08 -2.38
CA GLY A 108 -19.13 -1.20 -3.52
C GLY A 108 -18.35 -1.85 -4.65
N ARG A 109 -17.07 -1.49 -4.77
CA ARG A 109 -16.21 -2.07 -5.78
C ARG A 109 -15.49 -3.34 -5.30
N SER A 110 -15.59 -3.68 -4.02
CA SER A 110 -14.88 -4.82 -3.47
C SER A 110 -15.86 -5.84 -2.89
N PHE A 111 -15.34 -7.05 -2.69
CA PHE A 111 -15.99 -8.09 -1.91
C PHE A 111 -15.31 -8.16 -0.55
N GLY A 112 -16.09 -8.04 0.52
CA GLY A 112 -15.58 -8.17 1.86
C GLY A 112 -15.92 -9.53 2.43
N ILE A 113 -14.89 -10.31 2.73
CA ILE A 113 -15.04 -11.65 3.30
C ILE A 113 -14.53 -11.58 4.73
N THR A 114 -15.44 -11.67 5.70
CA THR A 114 -15.09 -11.60 7.11
C THR A 114 -14.73 -13.00 7.60
N LEU A 115 -13.43 -13.28 7.66
CA LEU A 115 -12.95 -14.57 8.13
C LEU A 115 -12.75 -14.52 9.65
N SER A 116 -12.04 -15.52 10.18
CA SER A 116 -11.88 -15.63 11.63
C SER A 116 -10.94 -14.55 12.16
N TYR A 117 -9.74 -14.45 11.57
CA TYR A 117 -8.72 -13.53 12.08
C TYR A 117 -8.43 -12.38 11.13
N VAL A 118 -8.86 -12.44 9.87
CA VAL A 118 -8.58 -11.41 8.89
C VAL A 118 -9.84 -11.13 8.08
N GLU A 119 -9.80 -10.06 7.29
CA GLU A 119 -10.83 -9.74 6.32
C GLU A 119 -10.20 -9.69 4.94
N LEU A 120 -10.75 -10.47 4.01
CA LEU A 120 -10.26 -10.50 2.64
C LEU A 120 -11.05 -9.49 1.81
N ASP A 121 -10.35 -8.56 1.17
CA ASP A 121 -10.96 -7.59 0.27
C ASP A 121 -10.58 -7.96 -1.15
N LEU A 122 -11.55 -8.41 -1.93
CA LEU A 122 -11.35 -8.91 -3.27
C LEU A 122 -11.85 -7.88 -4.29
N VAL A 123 -10.97 -7.45 -5.19
CA VAL A 123 -11.36 -6.59 -6.29
C VAL A 123 -11.29 -7.41 -7.58
N ILE A 124 -12.28 -7.22 -8.45
CA ILE A 124 -12.39 -7.98 -9.69
C ILE A 124 -11.90 -7.10 -10.82
N THR A 125 -10.81 -7.51 -11.48
CA THR A 125 -10.20 -6.74 -12.54
C THR A 125 -10.25 -7.50 -13.86
N ALA A 126 -9.91 -6.78 -14.93
CA ALA A 126 -9.82 -7.36 -16.26
C ALA A 126 -8.65 -6.71 -16.99
N ILE A 127 -8.24 -7.35 -18.08
CA ILE A 127 -7.12 -6.89 -18.89
C ILE A 127 -7.67 -6.20 -20.14
N PRO A 128 -7.42 -4.91 -20.33
CA PRO A 128 -7.96 -4.23 -21.52
C PRO A 128 -7.26 -4.63 -22.81
N GLU A 129 -6.02 -5.12 -22.74
CA GLU A 129 -5.28 -5.47 -23.94
C GLU A 129 -5.85 -6.73 -24.57
N SER A 130 -5.45 -6.97 -25.82
CA SER A 130 -5.95 -8.11 -26.58
C SER A 130 -4.80 -8.74 -27.38
N GLY A 131 -5.01 -10.00 -27.76
CA GLY A 131 -4.04 -10.70 -28.58
C GLY A 131 -2.77 -11.08 -27.84
N ALA A 132 -1.64 -10.89 -28.51
CA ALA A 132 -0.35 -11.29 -27.94
C ALA A 132 0.00 -10.47 -26.70
N GLU A 133 -0.35 -9.18 -26.70
CA GLU A 133 -0.11 -8.35 -25.52
C GLU A 133 -0.89 -8.87 -24.32
N LYS A 134 -2.17 -9.23 -24.54
CA LYS A 134 -2.97 -9.79 -23.45
C LYS A 134 -2.39 -11.11 -22.96
N SER A 135 -1.94 -11.96 -23.88
CA SER A 135 -1.36 -13.24 -23.48
C SER A 135 -0.08 -13.03 -22.67
N HIS A 136 0.76 -12.09 -23.09
CA HIS A 136 1.99 -11.80 -22.35
C HIS A 136 1.67 -11.25 -20.96
N LEU A 137 0.67 -10.37 -20.87
CA LEU A 137 0.27 -9.86 -19.55
C LEU A 137 -0.27 -10.98 -18.66
N GLU A 138 -1.07 -11.89 -19.24
CA GLU A 138 -1.55 -13.03 -18.47
C GLU A 138 -0.40 -13.90 -18.00
N GLN A 139 0.62 -14.07 -18.84
CA GLN A 139 1.80 -14.83 -18.44
C GLN A 139 2.51 -14.14 -17.27
N LEU A 140 2.59 -12.81 -17.32
CA LEU A 140 3.23 -12.08 -16.23
C LEU A 140 2.44 -12.19 -14.93
N TYR A 141 1.11 -12.06 -15.01
CA TYR A 141 0.28 -12.13 -13.81
C TYR A 141 0.24 -13.53 -13.21
N LYS A 142 0.58 -14.56 -13.97
CA LYS A 142 0.67 -15.92 -13.45
C LYS A 142 2.09 -16.31 -13.07
N SER A 143 3.04 -15.38 -13.16
CA SER A 143 4.42 -15.66 -12.79
C SER A 143 4.56 -15.66 -11.27
N GLU A 144 5.68 -16.23 -10.81
CA GLU A 144 5.97 -16.25 -9.38
C GLU A 144 6.17 -14.84 -8.82
N SER A 145 6.57 -13.89 -9.68
CA SER A 145 6.77 -12.51 -9.22
C SER A 145 5.46 -11.91 -8.70
N VAL A 146 4.35 -12.22 -9.35
CA VAL A 146 3.07 -11.64 -8.98
C VAL A 146 2.35 -12.52 -7.96
N LEU A 147 2.43 -13.84 -8.11
CA LEU A 147 1.71 -14.77 -7.26
C LEU A 147 2.32 -14.93 -5.87
N THR A 148 3.37 -14.18 -5.55
CA THR A 148 4.02 -14.32 -4.25
C THR A 148 3.13 -13.79 -3.14
N VAL A 149 3.09 -14.51 -2.02
CA VAL A 149 2.37 -14.06 -0.84
C VAL A 149 3.25 -13.36 0.17
N ASN A 150 4.57 -13.38 -0.03
CA ASN A 150 5.48 -12.65 0.84
C ASN A 150 5.51 -11.17 0.48
N SER A 151 5.68 -10.33 1.50
CA SER A 151 5.74 -8.90 1.28
C SER A 151 7.14 -8.49 0.81
N LEU A 152 7.26 -7.22 0.42
CA LEU A 152 8.53 -6.72 -0.09
C LEU A 152 9.64 -6.81 0.97
N GLU A 153 9.30 -6.62 2.24
CA GLU A 153 10.31 -6.65 3.29
C GLU A 153 10.88 -8.05 3.48
N GLU A 154 10.08 -9.09 3.23
CA GLU A 154 10.51 -10.46 3.44
C GLU A 154 11.37 -11.00 2.30
N GLN A 155 11.56 -10.22 1.23
CA GLN A 155 12.35 -10.70 0.09
C GLN A 155 12.87 -9.46 -0.66
N THR A 156 14.02 -8.97 -0.23
CA THR A 156 14.61 -7.80 -0.87
C THR A 156 15.02 -8.07 -2.31
N ASP A 157 15.19 -9.33 -2.69
CA ASP A 157 15.57 -9.71 -4.04
C ASP A 157 14.39 -9.69 -5.02
N TRP A 158 13.24 -9.17 -4.60
CA TRP A 158 12.07 -9.19 -5.47
C TRP A 158 12.19 -8.15 -6.58
N ARG A 159 11.86 -8.56 -7.81
CA ARG A 159 11.77 -7.66 -8.94
C ARG A 159 10.49 -7.99 -9.70
N LEU A 160 10.03 -7.02 -10.50
CA LEU A 160 8.87 -7.25 -11.37
C LEU A 160 9.37 -7.85 -12.67
N ASN A 161 9.49 -9.17 -12.69
CA ASN A 161 10.00 -9.88 -13.86
C ASN A 161 9.44 -11.29 -13.83
N LYS A 162 8.93 -11.75 -14.98
CA LYS A 162 8.31 -13.07 -15.06
C LYS A 162 9.29 -14.21 -14.82
N SER A 163 10.60 -13.94 -14.87
CA SER A 163 11.61 -14.97 -14.67
C SER A 163 12.19 -14.97 -13.27
N TRP A 164 11.64 -14.17 -12.36
CA TRP A 164 12.17 -14.07 -11.01
C TRP A 164 11.79 -15.29 -10.18
N THR A 165 12.70 -15.72 -9.32
CA THR A 165 12.49 -16.85 -8.43
C THR A 165 12.99 -16.49 -7.04
N PRO A 166 12.24 -16.85 -5.99
CA PRO A 166 12.63 -16.55 -4.61
C PRO A 166 13.77 -17.44 -4.11
N VAL A 179 19.00 -10.85 -11.31
CA VAL A 179 17.81 -10.52 -12.11
C VAL A 179 17.28 -9.15 -11.72
N GLU A 180 17.07 -8.30 -12.72
CA GLU A 180 16.60 -6.94 -12.53
C GLU A 180 15.11 -6.86 -12.90
N ASP A 181 14.55 -5.66 -12.76
CA ASP A 181 13.19 -5.43 -13.23
C ASP A 181 13.10 -5.59 -14.73
N ALA A 182 11.93 -6.03 -15.19
CA ALA A 182 11.67 -6.10 -16.62
C ALA A 182 11.67 -4.70 -17.22
N PRO A 183 12.00 -4.56 -18.51
CA PRO A 183 11.93 -3.24 -19.14
C PRO A 183 10.52 -2.66 -19.08
N ALA A 184 10.46 -1.33 -19.07
CA ALA A 184 9.19 -0.65 -18.83
C ALA A 184 8.16 -0.94 -19.92
N SER A 185 8.62 -1.27 -21.13
CA SER A 185 7.69 -1.50 -22.24
C SER A 185 6.85 -2.75 -22.07
N GLU A 186 7.03 -3.51 -20.98
CA GLU A 186 6.29 -4.75 -20.78
C GLU A 186 5.23 -4.66 -19.69
N TRP A 187 5.08 -3.51 -19.03
CA TRP A 187 4.11 -3.41 -17.94
C TRP A 187 3.66 -1.99 -17.64
N LYS A 188 4.50 -1.00 -17.96
CA LYS A 188 4.25 0.37 -17.50
C LYS A 188 2.94 0.92 -18.06
N ALA A 189 2.73 0.79 -19.36
CA ALA A 189 1.58 1.39 -20.03
C ALA A 189 0.37 0.46 -20.08
N HIS A 190 0.33 -0.57 -19.25
CA HIS A 190 -0.72 -1.59 -19.29
C HIS A 190 -1.31 -1.79 -17.91
N PRO A 191 -2.21 -0.91 -17.48
CA PRO A 191 -2.92 -1.14 -16.21
C PRO A 191 -4.15 -2.01 -16.39
N LEU A 192 -4.56 -2.63 -15.30
CA LEU A 192 -5.83 -3.34 -15.23
C LEU A 192 -6.98 -2.34 -15.15
N VAL A 193 -8.19 -2.85 -15.39
CA VAL A 193 -9.43 -2.11 -15.17
C VAL A 193 -10.14 -2.73 -13.97
N LEU A 194 -10.61 -1.88 -13.08
CA LEU A 194 -11.34 -2.27 -11.87
C LEU A 194 -12.66 -1.51 -11.83
N PRO A 195 -13.57 -1.92 -10.94
CA PRO A 195 -14.80 -1.15 -10.77
C PRO A 195 -14.54 0.22 -10.15
N ASP A 196 -15.29 1.22 -10.60
CA ASP A 196 -15.22 2.54 -10.00
C ASP A 196 -15.89 2.50 -8.62
N ARG A 197 -15.55 3.49 -7.80
CA ARG A 197 -16.07 3.55 -6.43
C ARG A 197 -17.59 3.65 -6.43
N GLU A 198 -18.14 4.65 -7.12
CA GLU A 198 -19.58 4.90 -7.13
C GLU A 198 -20.25 4.39 -8.40
N LYS A 199 -19.85 4.92 -9.55
CA LYS A 199 -20.51 4.55 -10.81
C LYS A 199 -20.20 3.11 -11.19
N ASN A 200 -21.10 2.54 -11.99
CA ASN A 200 -20.94 1.18 -12.52
C ASN A 200 -20.11 1.19 -13.80
N GLU A 201 -18.94 1.81 -13.73
CA GLU A 201 -18.05 1.97 -14.87
C GLU A 201 -16.66 1.50 -14.50
N TRP A 202 -15.85 1.20 -15.52
CA TRP A 202 -14.51 0.70 -15.31
C TRP A 202 -13.53 1.87 -15.19
N GLY A 203 -12.72 1.85 -14.14
CA GLY A 203 -11.56 2.71 -14.02
C GLY A 203 -10.29 1.90 -14.19
N ARG A 204 -9.16 2.60 -14.18
CA ARG A 204 -7.86 1.99 -14.44
C ARG A 204 -6.98 2.05 -13.20
N THR A 205 -6.35 0.92 -12.88
CA THR A 205 -5.43 0.81 -11.75
C THR A 205 -4.28 -0.09 -12.15
N HIS A 206 -3.10 0.19 -11.60
CA HIS A 206 -1.89 -0.57 -11.90
C HIS A 206 -1.16 -0.90 -10.60
N PRO A 207 -1.71 -1.85 -9.81
CA PRO A 207 -1.06 -2.17 -8.52
C PRO A 207 0.35 -2.71 -8.66
N LEU A 208 0.63 -3.50 -9.70
CA LEU A 208 1.99 -3.99 -9.89
C LEU A 208 2.98 -2.86 -10.07
N ALA A 209 2.60 -1.82 -10.82
CA ALA A 209 3.46 -0.66 -10.98
C ALA A 209 3.72 0.02 -9.65
N GLN A 210 2.68 0.13 -8.81
CA GLN A 210 2.85 0.73 -7.49
C GLN A 210 3.81 -0.07 -6.64
N ILE A 211 3.64 -1.40 -6.63
CA ILE A 211 4.51 -2.26 -5.82
C ILE A 211 5.96 -2.18 -6.30
N ARG A 212 6.15 -2.17 -7.63
CA ARG A 212 7.51 -2.09 -8.15
C ARG A 212 8.16 -0.75 -7.85
N TRP A 213 7.39 0.35 -7.96
CA TRP A 213 7.92 1.65 -7.61
C TRP A 213 8.27 1.71 -6.12
N THR A 214 7.45 1.08 -5.27
CA THR A 214 7.75 1.05 -3.85
C THR A 214 9.04 0.29 -3.58
N ALA A 215 9.23 -0.86 -4.24
CA ALA A 215 10.46 -1.62 -4.06
C ALA A 215 11.67 -0.83 -4.54
N GLU A 216 11.55 -0.15 -5.68
CA GLU A 216 12.66 0.63 -6.21
C GLU A 216 13.00 1.78 -5.28
N LYS A 217 12.00 2.49 -4.78
CA LYS A 217 12.24 3.60 -3.85
C LYS A 217 12.86 3.10 -2.56
N ASN A 218 12.44 1.92 -2.09
CA ASN A 218 13.01 1.37 -0.87
C ASN A 218 14.47 0.99 -1.08
N ARG A 219 14.82 0.45 -2.26
CA ARG A 219 16.21 0.15 -2.54
C ARG A 219 17.04 1.42 -2.66
N LEU A 220 16.49 2.46 -3.29
CA LEU A 220 17.21 3.72 -3.44
C LEU A 220 17.43 4.41 -2.09
N CYS A 221 16.56 4.13 -1.11
CA CYS A 221 16.66 4.72 0.22
C CYS A 221 17.26 3.76 1.24
N ASN A 222 17.97 2.73 0.78
CA ASN A 222 18.68 1.79 1.64
C ASN A 222 17.73 1.11 2.63
N GLY A 223 16.56 0.70 2.14
CA GLY A 223 15.61 -0.02 2.94
C GLY A 223 14.88 0.77 4.00
N HIS A 224 14.98 2.10 3.97
CA HIS A 224 14.36 2.95 4.99
C HIS A 224 12.99 3.48 4.57
N TYR A 225 12.59 3.31 3.30
CA TYR A 225 11.38 3.95 2.82
C TYR A 225 10.13 3.35 3.48
N ILE A 226 9.96 2.02 3.40
CA ILE A 226 8.78 1.39 3.96
C ILE A 226 8.73 1.59 5.47
N ASN A 227 9.89 1.59 6.12
CA ASN A 227 9.95 1.83 7.55
C ASN A 227 9.51 3.25 7.88
N LEU A 228 9.90 4.23 7.05
CA LEU A 228 9.48 5.61 7.28
C LEU A 228 7.98 5.77 7.04
N VAL A 229 7.44 5.06 6.05
CA VAL A 229 6.00 5.08 5.83
C VAL A 229 5.28 4.53 7.06
N ARG A 230 5.75 3.40 7.60
CA ARG A 230 5.16 2.85 8.80
C ARG A 230 5.26 3.84 9.97
N ALA A 231 6.41 4.48 10.13
CA ALA A 231 6.60 5.42 11.24
C ALA A 231 5.66 6.61 11.13
N VAL A 232 5.48 7.16 9.93
CA VAL A 232 4.59 8.31 9.77
C VAL A 232 3.14 7.88 9.92
N LYS A 233 2.79 6.67 9.47
CA LYS A 233 1.44 6.17 9.72
C LYS A 233 1.17 6.02 11.21
N TRP A 234 2.15 5.51 11.97
CA TRP A 234 1.98 5.38 13.40
C TRP A 234 1.90 6.74 14.08
N TRP A 235 2.66 7.71 13.59
CA TRP A 235 2.57 9.08 14.11
C TRP A 235 1.19 9.66 13.87
N ARG A 236 0.65 9.47 12.67
CA ARG A 236 -0.70 9.96 12.37
C ARG A 236 -1.74 9.25 13.22
N GLN A 237 -1.53 7.97 13.51
CA GLN A 237 -2.47 7.21 14.33
C GLN A 237 -2.45 7.69 15.78
N GLN A 238 -1.25 7.98 16.31
CA GLN A 238 -1.13 8.39 17.70
C GLN A 238 -1.66 9.80 17.92
N ASN A 239 -1.51 10.68 16.94
CA ASN A 239 -1.97 12.07 17.03
C ASN A 239 -3.21 12.29 16.18
N SER A 240 -4.10 11.29 16.14
CA SER A 240 -5.24 11.35 15.23
C SER A 240 -6.22 12.45 15.61
N GLU A 241 -6.40 12.73 16.90
CA GLU A 241 -7.35 13.74 17.32
C GLU A 241 -6.84 15.16 17.10
N ASP A 242 -5.56 15.33 16.78
CA ASP A 242 -5.02 16.64 16.44
C ASP A 242 -4.84 16.85 14.94
N LEU A 243 -4.83 15.78 14.16
CA LEU A 243 -4.61 15.81 12.73
C LEU A 243 -5.92 15.69 11.98
N PRO A 244 -5.97 16.14 10.72
CA PRO A 244 -7.19 15.98 9.93
C PRO A 244 -7.50 14.52 9.67
N LYS A 245 -8.75 14.26 9.27
CA LYS A 245 -9.19 12.90 8.99
C LYS A 245 -8.35 12.27 7.88
N TYR A 246 -7.96 13.07 6.90
CA TYR A 246 -7.17 12.64 5.76
C TYR A 246 -6.04 13.64 5.55
N PRO A 247 -4.93 13.23 4.91
CA PRO A 247 -4.66 11.95 4.25
C PRO A 247 -4.35 10.80 5.19
N LYS A 248 -4.70 9.59 4.76
CA LYS A 248 -4.34 8.36 5.46
C LYS A 248 -4.44 7.22 4.47
N GLY A 249 -3.63 6.19 4.68
CA GLY A 249 -3.60 5.07 3.76
C GLY A 249 -2.66 5.36 2.61
N TYR A 250 -3.11 5.09 1.39
CA TYR A 250 -2.23 5.20 0.23
C TYR A 250 -1.90 6.65 -0.13
N PRO A 251 -2.82 7.61 -0.05
CA PRO A 251 -2.42 9.00 -0.30
C PRO A 251 -1.34 9.49 0.65
N LEU A 252 -1.42 9.11 1.92
CA LEU A 252 -0.37 9.46 2.87
C LEU A 252 0.96 8.80 2.50
N GLU A 253 0.91 7.52 2.13
CA GLU A 253 2.12 6.82 1.68
C GLU A 253 2.73 7.50 0.46
N HIS A 254 1.88 7.97 -0.45
CA HIS A 254 2.38 8.65 -1.64
C HIS A 254 3.01 9.99 -1.29
N LEU A 255 2.39 10.74 -0.38
CA LEU A 255 3.00 11.99 0.09
C LEU A 255 4.35 11.73 0.72
N ILE A 256 4.47 10.66 1.50
CA ILE A 256 5.74 10.34 2.14
C ILE A 256 6.79 9.95 1.09
N GLY A 257 6.40 9.14 0.11
CA GLY A 257 7.34 8.76 -0.93
C GLY A 257 7.75 9.92 -1.81
N ASN A 258 6.88 10.92 -1.96
CA ASN A 258 7.24 12.11 -2.71
C ASN A 258 8.19 12.99 -1.90
N ALA A 259 7.97 13.07 -0.59
CA ALA A 259 8.79 13.96 0.24
C ALA A 259 10.18 13.39 0.47
N LEU A 260 10.31 12.07 0.50
CA LEU A 260 11.58 11.43 0.87
C LEU A 260 12.57 11.50 -0.29
N ASP A 261 13.77 12.01 -0.01
CA ASP A 261 14.85 12.00 -0.98
C ASP A 261 15.46 10.61 -1.08
N ASN A 262 16.15 10.37 -2.20
CA ASN A 262 16.88 9.12 -2.34
C ASN A 262 18.17 9.16 -1.53
N GLY A 263 18.72 7.98 -1.28
CA GLY A 263 19.93 7.87 -0.49
C GLY A 263 19.74 8.08 1.00
N THR A 264 18.61 7.65 1.55
CA THR A 264 18.34 7.85 2.96
C THR A 264 19.35 7.09 3.81
N THR A 265 19.92 7.79 4.79
CA THR A 265 20.97 7.21 5.64
C THR A 265 20.39 6.46 6.84
N SER A 266 19.57 7.15 7.63
CA SER A 266 19.01 6.56 8.84
C SER A 266 17.55 6.92 8.94
N MET A 267 16.86 6.29 9.91
CA MET A 267 15.46 6.59 10.15
C MET A 267 15.26 8.04 10.59
N ALA A 268 16.10 8.51 11.51
CA ALA A 268 15.94 9.86 12.04
C ALA A 268 16.24 10.91 10.98
N GLN A 269 17.39 10.79 10.31
CA GLN A 269 17.75 11.74 9.27
C GLN A 269 16.74 11.71 8.13
N GLY A 270 16.30 10.51 7.73
CA GLY A 270 15.30 10.41 6.68
C GLY A 270 13.98 11.06 7.07
N LEU A 271 13.56 10.85 8.32
CA LEU A 271 12.31 11.44 8.79
C LEU A 271 12.39 12.96 8.79
N VAL A 272 13.45 13.51 9.37
CA VAL A 272 13.61 14.96 9.40
C VAL A 272 13.70 15.53 8.00
N GLN A 273 14.42 14.85 7.11
CA GLN A 273 14.56 15.32 5.74
C GLN A 273 13.22 15.31 5.00
N LEU A 274 12.45 14.23 5.16
CA LEU A 274 11.17 14.16 4.46
C LEU A 274 10.19 15.21 5.00
N MET A 275 10.22 15.45 6.31
CA MET A 275 9.33 16.48 6.85
C MET A 275 9.73 17.88 6.36
N ASP A 276 11.04 18.16 6.34
CA ASP A 276 11.52 19.45 5.83
C ASP A 276 11.15 19.62 4.36
N THR A 277 11.33 18.56 3.55
CA THR A 277 11.03 18.66 2.13
C THR A 277 9.54 18.81 1.89
N PHE A 278 8.72 18.11 2.68
CA PHE A 278 7.27 18.29 2.59
C PHE A 278 6.88 19.72 2.90
N LEU A 279 7.46 20.30 3.95
CA LEU A 279 7.12 21.66 4.35
C LEU A 279 7.55 22.67 3.28
N SER A 280 8.78 22.54 2.78
CA SER A 280 9.28 23.54 1.83
C SER A 280 8.64 23.39 0.47
N ARG A 281 8.37 22.15 0.04
CA ARG A 281 7.86 21.91 -1.31
C ARG A 281 6.42 22.38 -1.46
N TRP A 282 5.59 22.18 -0.43
CA TRP A 282 4.17 22.52 -0.49
C TRP A 282 3.84 23.81 0.23
N ALA A 283 4.85 24.60 0.62
CA ALA A 283 4.58 25.84 1.33
C ALA A 283 3.74 26.80 0.48
N ALA A 284 4.05 26.90 -0.81
CA ALA A 284 3.26 27.75 -1.70
C ALA A 284 1.83 27.25 -1.80
N ILE A 285 1.65 25.93 -1.97
CA ILE A 285 0.31 25.36 -2.04
C ILE A 285 -0.44 25.60 -0.73
N TYR A 286 0.27 25.50 0.40
CA TYR A 286 -0.37 25.74 1.69
C TYR A 286 -0.84 27.17 1.82
N ASN A 287 0.03 28.13 1.46
CA ASN A 287 -0.34 29.54 1.56
C ASN A 287 -1.46 29.91 0.58
N GLN A 288 -1.64 29.13 -0.48
CA GLN A 288 -2.75 29.33 -1.41
C GLN A 288 -4.00 28.59 -1.00
N LYS A 289 -3.98 27.89 0.14
CA LYS A 289 -5.12 27.13 0.64
C LYS A 289 -5.61 26.13 -0.41
N SER A 290 -4.66 25.38 -0.96
CA SER A 290 -4.95 24.43 -2.04
C SER A 290 -4.37 23.07 -1.68
N LYS A 291 -4.18 22.22 -2.68
CA LYS A 291 -3.71 20.86 -2.50
C LYS A 291 -2.87 20.47 -3.70
N PRO A 292 -1.89 19.58 -3.53
CA PRO A 292 -1.05 19.19 -4.66
C PRO A 292 -1.77 18.25 -5.62
N TRP A 293 -1.32 18.28 -6.87
CA TRP A 293 -1.73 17.32 -7.89
C TRP A 293 -0.54 16.40 -8.12
N LEU A 294 -0.64 15.16 -7.63
CA LEU A 294 0.46 14.22 -7.68
C LEU A 294 0.08 13.03 -8.57
N SER A 295 0.97 12.74 -9.52
CA SER A 295 0.71 11.65 -10.47
C SER A 295 0.86 10.30 -9.78
N ASP A 296 -0.08 9.40 -10.08
CA ASP A 296 -0.03 8.06 -9.51
C ASP A 296 1.05 7.24 -10.19
N HIS A 297 1.82 6.50 -9.39
CA HIS A 297 2.90 5.68 -9.92
C HIS A 297 2.40 4.55 -10.81
N GLY A 298 1.13 4.17 -10.69
CA GLY A 298 0.58 3.12 -11.50
C GLY A 298 -0.13 3.63 -12.74
N VAL A 299 -1.03 4.59 -12.56
CA VAL A 299 -1.76 5.22 -13.65
C VAL A 299 -1.37 6.69 -13.64
N ALA A 300 -0.51 7.09 -14.59
CA ALA A 300 0.12 8.40 -14.54
C ALA A 300 -0.92 9.53 -14.58
N GLU A 301 -2.00 9.34 -15.34
CA GLU A 301 -2.98 10.40 -15.50
C GLU A 301 -3.81 10.65 -14.25
N HIS A 302 -3.72 9.77 -13.25
CA HIS A 302 -4.55 9.88 -12.05
C HIS A 302 -3.88 10.75 -11.00
N ASP A 303 -4.69 11.58 -10.34
CA ASP A 303 -4.25 12.36 -9.18
C ASP A 303 -4.53 11.56 -7.92
N VAL A 304 -3.47 11.21 -7.19
CA VAL A 304 -3.64 10.46 -5.94
C VAL A 304 -4.41 11.29 -4.92
N MET A 305 -4.25 12.62 -4.96
CA MET A 305 -4.94 13.52 -4.04
C MET A 305 -6.27 14.02 -4.59
N ALA A 306 -6.92 13.24 -5.45
CA ALA A 306 -8.15 13.70 -6.10
C ALA A 306 -9.26 13.92 -5.08
N ARG A 307 -9.48 12.95 -4.21
CA ARG A 307 -10.56 13.04 -3.22
C ARG A 307 -10.14 13.75 -1.94
N LEU A 308 -8.85 14.02 -1.76
CA LEU A 308 -8.41 14.79 -0.60
C LEU A 308 -8.79 16.26 -0.77
N THR A 309 -9.24 16.87 0.33
CA THR A 309 -9.66 18.26 0.29
C THR A 309 -8.50 19.18 0.64
N ALA A 310 -8.64 20.45 0.24
CA ALA A 310 -7.60 21.44 0.51
C ALA A 310 -7.47 21.72 2.01
N GLU A 311 -8.61 21.80 2.71
CA GLU A 311 -8.58 22.07 4.14
C GLU A 311 -7.88 20.95 4.90
N ASP A 312 -8.15 19.70 4.52
CA ASP A 312 -7.47 18.58 5.16
C ASP A 312 -5.98 18.60 4.87
N PHE A 313 -5.59 18.92 3.64
CA PHE A 313 -4.16 18.97 3.32
C PHE A 313 -3.47 20.08 4.12
N CYS A 314 -4.13 21.21 4.31
CA CYS A 314 -3.49 22.30 5.04
C CYS A 314 -3.41 22.01 6.53
N SER A 315 -4.44 21.37 7.09
CA SER A 315 -4.36 20.93 8.48
C SER A 315 -3.23 19.92 8.65
N PHE A 316 -3.10 18.98 7.71
CA PHE A 316 -2.01 18.02 7.76
C PHE A 316 -0.66 18.71 7.62
N TYR A 317 -0.59 19.77 6.82
CA TYR A 317 0.65 20.54 6.70
C TYR A 317 1.04 21.18 8.02
N GLU A 318 0.06 21.75 8.73
CA GLU A 318 0.35 22.33 10.04
C GLU A 318 0.81 21.26 11.03
N GLY A 319 0.13 20.11 11.02
CA GLY A 319 0.57 19.01 11.86
C GLY A 319 1.98 18.56 11.54
N ILE A 320 2.33 18.52 10.25
CA ILE A 320 3.68 18.16 9.84
C ILE A 320 4.67 19.20 10.30
N ALA A 321 4.29 20.48 10.30
CA ALA A 321 5.18 21.51 10.82
C ALA A 321 5.50 21.28 12.29
N SER A 322 4.47 21.00 13.09
CA SER A 322 4.70 20.71 14.51
C SER A 322 5.59 19.48 14.68
N ALA A 323 5.23 18.38 14.01
CA ALA A 323 6.02 17.16 14.09
C ALA A 323 7.45 17.37 13.61
N ALA A 324 7.65 18.29 12.66
CA ALA A 324 8.98 18.52 12.12
C ALA A 324 9.83 19.30 13.12
N GLU A 325 9.25 20.27 13.81
CA GLU A 325 9.96 20.90 14.92
C GLU A 325 10.40 19.86 15.94
N ILE A 326 9.45 19.00 16.36
CA ILE A 326 9.77 18.01 17.38
C ILE A 326 10.87 17.07 16.89
N ALA A 327 10.80 16.65 15.62
CA ALA A 327 11.76 15.68 15.09
C ALA A 327 13.13 16.32 14.89
N ARG A 328 13.17 17.58 14.45
CA ARG A 328 14.44 18.29 14.35
C ARG A 328 15.12 18.37 15.71
N ASN A 329 14.37 18.70 16.76
CA ASN A 329 14.98 18.75 18.08
C ASN A 329 15.38 17.37 18.57
N ALA A 330 14.60 16.33 18.22
CA ALA A 330 14.96 14.97 18.61
C ALA A 330 16.25 14.52 17.95
N LEU A 331 16.47 14.93 16.69
CA LEU A 331 17.69 14.57 15.98
C LEU A 331 18.89 15.37 16.48
N ALA A 332 18.67 16.66 16.80
CA ALA A 332 19.79 17.51 17.21
C ALA A 332 20.28 17.19 18.62
N SER A 333 19.42 16.63 19.47
CA SER A 333 19.80 16.36 20.85
C SER A 333 20.94 15.35 20.91
N GLU A 334 21.98 15.70 21.67
CA GLU A 334 23.17 14.87 21.80
C GLU A 334 23.12 13.92 23.00
N GLU A 335 22.02 13.92 23.76
CA GLU A 335 21.87 13.05 24.90
C GLU A 335 20.86 11.95 24.56
N PRO A 336 21.19 10.68 24.80
CA PRO A 336 20.31 9.60 24.31
C PRO A 336 18.92 9.61 24.91
N GLN A 337 18.81 9.75 26.24
CA GLN A 337 17.49 9.77 26.86
C GLN A 337 16.66 10.96 26.42
N GLU A 338 17.31 12.10 26.17
CA GLU A 338 16.61 13.29 25.71
C GLU A 338 16.03 13.08 24.31
N SER A 339 16.88 12.63 23.38
CA SER A 339 16.41 12.30 22.05
C SER A 339 15.29 11.27 22.10
N ALA A 340 15.41 10.28 22.97
CA ALA A 340 14.39 9.24 23.07
C ALA A 340 13.08 9.81 23.59
N GLN A 341 13.15 10.70 24.59
CA GLN A 341 11.94 11.34 25.09
C GLN A 341 11.25 12.14 24.00
N LEU A 342 12.02 12.85 23.16
CA LEU A 342 11.39 13.60 22.07
C LEU A 342 10.80 12.66 21.02
N TRP A 343 11.53 11.59 20.67
CA TRP A 343 11.00 10.62 19.72
C TRP A 343 9.73 9.97 20.21
N ARG A 344 9.61 9.75 21.53
CA ARG A 344 8.38 9.19 22.08
C ARG A 344 7.27 10.21 22.14
N GLN A 345 7.61 11.48 22.41
CA GLN A 345 6.64 12.55 22.28
C GLN A 345 6.04 12.58 20.87
N LEU A 346 6.85 12.23 19.86
CA LEU A 346 6.30 12.17 18.50
C LEU A 346 5.57 10.87 18.22
N PHE A 347 6.05 9.75 18.77
CA PHE A 347 5.57 8.42 18.37
C PHE A 347 4.74 7.69 19.41
N GLY A 348 4.90 8.00 20.68
CA GLY A 348 4.05 7.43 21.72
C GLY A 348 4.77 6.41 22.58
N SER A 349 3.96 5.53 23.19
CA SER A 349 4.47 4.62 24.21
C SER A 349 5.32 3.50 23.63
N LYS A 350 5.05 3.08 22.39
CA LYS A 350 5.70 1.92 21.81
C LYS A 350 7.04 2.25 21.16
N PHE A 351 7.62 3.42 21.45
CA PHE A 351 8.99 3.70 21.09
C PHE A 351 9.88 3.43 22.29
N PRO A 352 10.85 2.54 22.20
CA PRO A 352 11.63 2.16 23.39
C PRO A 352 12.75 3.15 23.69
N LEU A 353 13.08 3.23 25.01
CA LEU A 353 14.17 4.05 25.52
C LEU A 353 15.41 3.20 25.75
N PRO A 354 16.62 3.77 25.57
CA PRO A 354 17.88 3.06 25.80
C PRO A 354 18.01 2.54 27.23
PG ATP B . -3.66 0.47 1.88
O1G ATP B . -4.27 -0.78 2.46
O2G ATP B . -2.59 0.22 0.84
O3G ATP B . -3.30 1.51 2.91
PB ATP B . -6.08 1.90 1.77
O1B ATP B . -5.60 3.28 2.15
O2B ATP B . -6.68 1.00 2.81
O3B ATP B . -4.86 1.14 1.05
PA ATP B . -7.76 0.79 -0.18
O1A ATP B . -9.18 1.12 -0.58
O2A ATP B . -7.46 -0.43 0.65
O3A ATP B . -7.10 2.08 0.53
O5' ATP B . -6.84 0.72 -1.50
C5' ATP B . -6.33 -0.53 -1.97
C4' ATP B . -5.17 -0.22 -2.91
O4' ATP B . -5.62 0.62 -3.99
C3' ATP B . -4.06 0.56 -2.22
O3' ATP B . -3.07 -0.32 -1.67
C2' ATP B . -3.46 1.39 -3.34
O2' ATP B . -2.40 0.68 -3.96
C1' ATP B . -4.61 1.57 -4.31
N9 ATP B . -5.15 2.94 -4.12
C8 ATP B . -6.09 3.29 -3.22
N7 ATP B . -6.36 4.62 -3.28
C5 ATP B . -5.56 5.14 -4.23
C6 ATP B . -5.33 6.49 -4.81
N6 ATP B . -6.02 7.57 -4.36
N1 ATP B . -4.41 6.60 -5.79
C2 ATP B . -3.72 5.53 -6.24
N3 ATP B . -3.87 4.29 -5.77
C4 ATP B . -4.77 4.04 -4.77
PG ATP C . -11.40 7.81 -10.67
O1G ATP C . -10.38 8.91 -10.84
O2G ATP C . -12.83 8.28 -10.83
O3G ATP C . -11.08 6.55 -11.41
PB ATP C . -12.40 6.82 -8.16
O1B ATP C . -13.70 7.55 -8.42
O2B ATP C . -12.36 5.32 -8.21
O3B ATP C . -11.23 7.40 -9.11
PA ATP C . -10.91 6.36 -5.83
O1A ATP C . -11.65 5.09 -5.51
O2A ATP C . -10.33 7.20 -4.72
O3A ATP C . -11.87 7.31 -6.72
O5' ATP C . -9.75 6.03 -6.89
C5' ATP C . -8.39 5.97 -6.49
C4' ATP C . -7.58 5.25 -7.56
O4' ATP C . -6.78 4.24 -6.94
C3' ATP C . -8.48 4.55 -8.57
O3' ATP C . -8.46 5.26 -9.82
C2' ATP C . -7.88 3.18 -8.75
O2' ATP C . -7.09 3.18 -9.94
C1' ATP C . -6.99 2.97 -7.53
N9 ATP C . -7.69 2.12 -6.53
C8 ATP C . -8.57 2.57 -5.61
N7 ATP C . -9.04 1.56 -4.84
C5 ATP C . -8.46 0.42 -5.28
C6 ATP C . -8.52 -1.01 -4.90
N6 ATP C . -9.31 -1.44 -3.89
N1 ATP C . -7.75 -1.88 -5.61
C2 ATP C . -6.97 -1.46 -6.61
N3 ATP C . -6.86 -0.17 -7.01
C4 ATP C . -7.58 0.80 -6.39
#